data_7WB5
#
_entry.id   7WB5
#
loop_
_entity.id
_entity.type
_entity.pdbx_description
1 polymer 'hu33 heavy chain'
2 polymer 'hu33 light chain'
3 polymer 'Surface glycoprotein'
4 branched beta-D-mannopyranose-(1-4)-2-acetamido-2-deoxy-beta-D-glucopyranose-(1-4)-2-acetamido-2-deoxy-beta-D-glucopyranose
#
loop_
_entity_poly.entity_id
_entity_poly.type
_entity_poly.pdbx_seq_one_letter_code
_entity_poly.pdbx_strand_id
1 'polypeptide(L)'
;QVQLVQSGSELKKPGASVKVSCKASGYTFTDYGMNWVRQAPGQGLEWMGWINTYSGEPTYADDFRGRFVFSLDTSVSTAY
LQICSLKAEDTAVYYCARGGNWDWYFDVWGQGTLVTVS
;
H
2 'polypeptide(L)'
;DIQMTQSPSSLSASVGDRVTITCRASQSVSNFLHWYQQKPGKAPKLLIYYASQSISGVPSRFSGSGSGTDFTLTISSLQP
EDFATYYCQQSNTWPLTFGQGTKLEIK
;
L
3 'polypeptide(L)'
;NLCPFGEVFNATRFASVYAWNRKRISNCVADYSVLYNSASFSTFKCYGVSPTKLNDLCFTNVYADSFVIRGDEVRQIAPG
QTGNIADYNYKLPDDFTGCVIAWNSNNLDSKVGGNYNYLYRLFRKSNLKPFERDISTEIYQAGSTPCNGVKGFNCYFPLQ
SYGFQPTYGVGYQPYRVVVLSFE
;
R
#
loop_
_chem_comp.id
_chem_comp.type
_chem_comp.name
_chem_comp.formula
BMA D-saccharide, beta linking beta-D-mannopyranose 'C6 H12 O6'
NAG D-saccharide, beta linking 2-acetamido-2-deoxy-beta-D-glucopyranose 'C8 H15 N O6'
#
# COMPACT_ATOMS: atom_id res chain seq x y z
N GLN A 1 -15.93 -13.61 -17.56
CA GLN A 1 -14.55 -13.93 -17.28
C GLN A 1 -13.74 -12.67 -17.00
N VAL A 2 -12.83 -12.75 -16.02
CA VAL A 2 -11.99 -11.60 -15.67
C VAL A 2 -10.52 -11.96 -15.81
N GLN A 3 -9.99 -11.89 -17.03
CA GLN A 3 -8.66 -12.40 -17.31
C GLN A 3 -7.88 -11.37 -18.11
N LEU A 4 -6.56 -11.36 -17.90
CA LEU A 4 -5.71 -10.32 -18.47
C LEU A 4 -4.74 -10.95 -19.46
N VAL A 5 -5.12 -10.91 -20.74
CA VAL A 5 -4.25 -11.43 -21.78
C VAL A 5 -2.97 -10.62 -21.83
N GLN A 6 -1.90 -11.22 -22.33
CA GLN A 6 -0.62 -10.55 -22.39
C GLN A 6 0.05 -10.81 -23.73
N SER A 7 1.02 -9.97 -24.06
CA SER A 7 1.68 -10.06 -25.35
C SER A 7 2.58 -11.30 -25.42
N GLY A 8 2.89 -11.69 -26.64
CA GLY A 8 3.59 -12.93 -26.86
C GLY A 8 5.04 -12.88 -26.40
N SER A 9 5.72 -14.00 -26.60
CA SER A 9 7.09 -14.14 -26.16
C SER A 9 7.99 -13.21 -26.96
N GLU A 10 8.39 -12.10 -26.36
CA GLU A 10 9.22 -11.13 -27.03
C GLU A 10 10.66 -11.64 -27.13
N LEU A 11 11.44 -11.00 -27.99
CA LEU A 11 12.87 -11.27 -28.13
C LEU A 11 13.50 -10.16 -28.93
N LYS A 12 14.48 -9.46 -28.35
CA LYS A 12 15.05 -8.28 -29.00
C LYS A 12 16.53 -8.11 -28.70
N LYS A 13 17.20 -7.37 -29.57
CA LYS A 13 18.62 -7.08 -29.45
C LYS A 13 18.85 -6.23 -28.21
N PRO A 14 20.01 -6.37 -27.53
CA PRO A 14 20.28 -5.51 -26.36
C PRO A 14 20.41 -4.04 -26.69
N GLY A 15 19.28 -3.34 -26.73
CA GLY A 15 19.26 -1.94 -27.04
C GLY A 15 17.97 -1.48 -27.71
N ALA A 16 17.10 -2.41 -28.06
CA ALA A 16 15.81 -2.06 -28.63
C ALA A 16 14.92 -1.43 -27.56
N SER A 17 13.71 -1.04 -27.96
CA SER A 17 12.68 -0.53 -27.05
C SER A 17 11.38 -1.26 -27.35
N VAL A 18 10.89 -2.03 -26.38
CA VAL A 18 9.77 -2.93 -26.64
C VAL A 18 8.70 -2.76 -25.57
N LYS A 19 7.50 -3.25 -25.91
CA LYS A 19 6.28 -2.81 -25.24
C LYS A 19 5.36 -4.03 -25.09
N VAL A 20 5.28 -4.57 -23.88
CA VAL A 20 4.40 -5.68 -23.61
C VAL A 20 3.01 -5.15 -23.31
N SER A 21 2.00 -5.97 -23.60
CA SER A 21 0.62 -5.53 -23.51
C SER A 21 -0.08 -6.32 -22.42
N CYS A 22 -0.94 -5.66 -21.66
CA CYS A 22 -1.79 -6.31 -20.70
C CYS A 22 -3.21 -5.82 -20.95
N LYS A 23 -3.95 -6.52 -21.79
CA LYS A 23 -5.30 -6.12 -22.15
C LYS A 23 -6.28 -6.84 -21.24
N ALA A 24 -7.10 -6.06 -20.53
CA ALA A 24 -7.97 -6.56 -19.49
C ALA A 24 -9.39 -6.72 -20.01
N SER A 25 -10.21 -7.40 -19.21
CA SER A 25 -11.62 -7.58 -19.50
C SER A 25 -12.29 -8.27 -18.32
N GLY A 26 -13.57 -7.96 -18.11
CA GLY A 26 -14.40 -8.62 -17.13
C GLY A 26 -14.74 -7.76 -15.93
N TYR A 27 -13.78 -6.99 -15.44
CA TYR A 27 -14.00 -6.07 -14.34
C TYR A 27 -14.07 -4.65 -14.87
N THR A 28 -14.41 -3.72 -13.99
CA THR A 28 -14.30 -2.32 -14.33
C THR A 28 -12.82 -1.94 -14.34
N PHE A 29 -12.28 -1.73 -15.54
CA PHE A 29 -10.84 -1.49 -15.69
C PHE A 29 -10.38 -0.29 -14.88
N THR A 30 -11.26 0.69 -14.68
CA THR A 30 -10.88 1.88 -13.93
C THR A 30 -10.71 1.58 -12.46
N ASP A 31 -11.39 0.54 -11.97
CA ASP A 31 -11.54 0.36 -10.53
C ASP A 31 -10.19 0.11 -9.87
N TYR A 32 -9.38 -0.77 -10.44
CA TYR A 32 -8.13 -1.18 -9.82
C TYR A 32 -6.93 -0.63 -10.57
N GLY A 33 -5.78 -0.69 -9.93
CA GLY A 33 -4.53 -0.25 -10.52
C GLY A 33 -4.01 -1.27 -11.51
N MET A 34 -2.76 -1.11 -11.91
CA MET A 34 -2.17 -2.05 -12.85
C MET A 34 -0.69 -2.32 -12.54
N ASN A 35 -0.40 -2.78 -11.33
CA ASN A 35 0.96 -3.20 -10.99
C ASN A 35 1.58 -4.04 -12.09
N TRP A 36 2.91 -3.98 -12.19
CA TRP A 36 3.68 -4.72 -13.19
C TRP A 36 4.85 -5.41 -12.48
N VAL A 37 4.81 -6.73 -12.38
CA VAL A 37 5.91 -7.44 -11.72
C VAL A 37 6.81 -8.11 -12.75
N ARG A 38 8.07 -8.33 -12.39
CA ARG A 38 9.00 -9.05 -13.25
C ARG A 38 9.69 -10.12 -12.43
N GLN A 39 10.18 -11.15 -13.09
CA GLN A 39 10.73 -12.32 -12.43
C GLN A 39 11.84 -12.89 -13.27
N ALA A 40 13.07 -12.75 -12.80
CA ALA A 40 14.18 -13.37 -13.51
C ALA A 40 14.09 -14.87 -13.30
N PRO A 41 14.66 -15.69 -14.19
CA PRO A 41 14.44 -17.15 -14.06
C PRO A 41 14.84 -17.73 -12.71
N GLY A 42 16.05 -17.45 -12.23
CA GLY A 42 16.47 -18.01 -10.96
C GLY A 42 16.29 -17.11 -9.77
N GLN A 43 15.24 -16.30 -9.75
CA GLN A 43 14.98 -15.35 -8.68
C GLN A 43 13.47 -15.26 -8.47
N GLY A 44 13.03 -14.24 -7.75
CA GLY A 44 11.65 -14.11 -7.31
C GLY A 44 11.00 -12.84 -7.81
N LEU A 45 9.69 -12.76 -7.66
CA LEU A 45 8.91 -11.65 -8.20
C LEU A 45 9.38 -10.33 -7.60
N GLU A 46 9.32 -9.27 -8.41
CA GLU A 46 9.73 -7.93 -8.00
C GLU A 46 8.74 -6.92 -8.56
N TRP A 47 8.03 -6.24 -7.68
CA TRP A 47 7.08 -5.21 -8.10
C TRP A 47 7.83 -4.07 -8.80
N MET A 48 7.19 -3.48 -9.80
CA MET A 48 7.82 -2.40 -10.56
C MET A 48 6.97 -1.15 -10.70
N GLY A 49 5.82 -1.07 -10.05
CA GLY A 49 5.13 0.20 -10.04
C GLY A 49 3.86 0.24 -10.84
N TRP A 50 2.87 0.98 -10.38
CA TRP A 50 1.55 0.91 -10.96
C TRP A 50 1.21 2.18 -11.72
N ILE A 51 0.02 2.18 -12.30
CA ILE A 51 -0.52 3.33 -13.03
C ILE A 51 -2.00 3.49 -12.68
N ASN A 52 -2.34 4.61 -12.08
CA ASN A 52 -3.73 4.88 -11.76
C ASN A 52 -4.55 4.88 -13.04
N THR A 53 -5.49 3.96 -13.13
CA THR A 53 -6.18 3.72 -14.39
C THR A 53 -7.17 4.81 -14.75
N TYR A 54 -7.12 5.97 -14.10
CA TYR A 54 -7.90 7.13 -14.52
C TYR A 54 -6.99 8.28 -14.95
N SER A 55 -5.70 8.18 -14.69
CA SER A 55 -4.79 9.25 -15.08
C SER A 55 -3.72 8.75 -16.03
N GLY A 56 -3.07 7.65 -15.67
CA GLY A 56 -1.93 7.17 -16.41
C GLY A 56 -0.59 7.52 -15.82
N GLU A 57 -0.53 7.94 -14.56
CA GLU A 57 0.74 8.34 -13.96
C GLU A 57 1.58 7.11 -13.63
N PRO A 58 2.80 7.05 -14.12
CA PRO A 58 3.63 5.86 -13.89
C PRO A 58 4.51 5.90 -12.66
N THR A 59 3.97 5.64 -11.46
CA THR A 59 4.77 5.71 -10.24
C THR A 59 5.61 4.44 -10.07
N TYR A 60 6.81 4.47 -10.62
CA TYR A 60 7.62 3.26 -10.68
C TYR A 60 8.15 2.92 -9.29
N ALA A 61 8.56 1.66 -9.13
CA ALA A 61 9.21 1.24 -7.90
C ALA A 61 10.59 1.89 -7.80
N ASP A 62 11.11 1.94 -6.58
CA ASP A 62 12.32 2.71 -6.33
C ASP A 62 13.52 2.12 -7.07
N ASP A 63 13.38 0.90 -7.58
CA ASP A 63 14.50 0.27 -8.29
C ASP A 63 14.40 0.52 -9.79
N PHE A 64 13.22 0.33 -10.37
CA PHE A 64 13.03 0.47 -11.81
C PHE A 64 12.61 1.90 -12.15
N ARG A 65 13.46 2.85 -11.76
CA ARG A 65 13.10 4.25 -11.89
C ARG A 65 13.24 4.74 -13.32
N GLY A 66 14.12 4.12 -14.10
CA GLY A 66 14.54 4.73 -15.34
C GLY A 66 13.81 4.31 -16.59
N ARG A 67 14.45 3.43 -17.35
CA ARG A 67 14.08 3.09 -18.72
C ARG A 67 12.71 2.43 -18.85
N PHE A 68 12.11 1.93 -17.78
CA PHE A 68 10.78 1.35 -17.84
C PHE A 68 9.73 2.45 -17.79
N VAL A 69 8.69 2.33 -18.60
CA VAL A 69 7.55 3.24 -18.60
C VAL A 69 6.28 2.45 -18.87
N PHE A 70 5.19 2.84 -18.20
CA PHE A 70 3.90 2.21 -18.37
C PHE A 70 2.97 3.15 -19.13
N SER A 71 2.55 2.73 -20.32
CA SER A 71 1.75 3.56 -21.23
C SER A 71 0.31 3.04 -21.24
N LEU A 72 -0.58 3.76 -20.55
CA LEU A 72 -1.98 3.37 -20.45
C LEU A 72 -2.81 4.05 -21.53
N ASP A 73 -3.38 3.24 -22.44
CA ASP A 73 -4.38 3.72 -23.39
C ASP A 73 -5.78 3.27 -22.97
N THR A 74 -6.37 4.00 -22.02
CA THR A 74 -7.66 3.60 -21.49
C THR A 74 -8.76 3.70 -22.53
N SER A 75 -9.96 3.29 -22.13
CA SER A 75 -11.19 3.21 -22.91
C SER A 75 -11.08 2.08 -23.91
N VAL A 76 -9.89 1.49 -24.07
CA VAL A 76 -9.69 0.26 -24.83
C VAL A 76 -9.40 -0.90 -23.90
N SER A 77 -9.37 -0.65 -22.60
CA SER A 77 -9.03 -1.65 -21.59
C SER A 77 -7.63 -2.21 -21.84
N THR A 78 -6.67 -1.31 -21.87
CA THR A 78 -5.27 -1.64 -22.10
C THR A 78 -4.41 -0.93 -21.06
N ALA A 79 -3.30 -1.57 -20.71
CA ALA A 79 -2.41 -1.00 -19.70
C ALA A 79 -0.94 -1.25 -20.05
N TYR A 80 -0.57 -0.98 -21.29
CA TYR A 80 0.71 -1.37 -21.85
C TYR A 80 1.89 -0.94 -20.97
N LEU A 81 2.91 -1.78 -20.93
CA LEU A 81 4.22 -1.47 -20.37
C LEU A 81 5.19 -1.34 -21.53
N GLN A 82 6.24 -0.55 -21.32
CA GLN A 82 7.24 -0.37 -22.38
C GLN A 82 8.62 -0.21 -21.75
N ILE A 83 9.31 -1.34 -21.63
CA ILE A 83 10.74 -1.34 -21.32
C ILE A 83 11.47 -0.68 -22.48
N CYS A 84 12.44 0.17 -22.17
CA CYS A 84 13.22 0.85 -23.19
C CYS A 84 14.70 0.59 -22.99
N SER A 85 15.45 0.63 -24.08
CA SER A 85 16.91 0.46 -24.05
C SER A 85 17.29 -0.80 -23.28
N LEU A 86 16.79 -1.93 -23.74
CA LEU A 86 16.95 -3.20 -23.02
C LEU A 86 18.41 -3.60 -22.91
N LYS A 87 18.75 -4.20 -21.78
CA LYS A 87 20.09 -4.69 -21.53
C LYS A 87 20.09 -6.22 -21.57
N ALA A 88 21.23 -6.83 -21.28
CA ALA A 88 21.36 -8.27 -21.25
C ALA A 88 21.05 -8.86 -19.88
N GLU A 89 20.77 -8.03 -18.90
CA GLU A 89 20.40 -8.48 -17.56
C GLU A 89 18.91 -8.45 -17.32
N ASP A 90 18.11 -8.19 -18.36
CA ASP A 90 16.66 -8.13 -18.24
C ASP A 90 15.99 -9.34 -18.88
N THR A 91 16.67 -10.46 -18.94
CA THR A 91 16.13 -11.65 -19.59
C THR A 91 15.09 -12.33 -18.69
N ALA A 92 14.10 -11.56 -18.27
CA ALA A 92 13.14 -11.99 -17.27
C ALA A 92 11.73 -11.85 -17.81
N VAL A 93 10.81 -12.62 -17.21
CA VAL A 93 9.41 -12.44 -17.53
C VAL A 93 8.94 -11.14 -16.91
N TYR A 94 7.91 -10.53 -17.48
CA TYR A 94 7.32 -9.31 -16.94
C TYR A 94 5.81 -9.47 -16.90
N TYR A 95 5.26 -9.61 -15.71
CA TYR A 95 3.86 -9.89 -15.53
C TYR A 95 3.07 -8.61 -15.35
N CYS A 96 1.85 -8.63 -15.85
CA CYS A 96 0.80 -7.73 -15.42
C CYS A 96 0.17 -8.29 -14.15
N ALA A 97 -0.45 -7.42 -13.36
CA ALA A 97 -1.09 -7.91 -12.14
C ALA A 97 -2.07 -6.88 -11.62
N ARG A 98 -3.35 -7.14 -11.74
CA ARG A 98 -4.34 -6.18 -11.28
C ARG A 98 -4.27 -6.10 -9.77
N GLY A 99 -3.60 -5.09 -9.25
CA GLY A 99 -3.57 -4.88 -7.82
C GLY A 99 -4.02 -3.49 -7.49
N GLY A 100 -5.16 -3.35 -6.81
CA GLY A 100 -5.90 -2.11 -6.76
C GLY A 100 -5.19 -0.98 -6.05
N ASN A 101 -5.97 0.07 -5.75
CA ASN A 101 -5.45 1.18 -4.95
C ASN A 101 -5.57 0.92 -3.46
N TRP A 102 -6.67 0.29 -3.03
CA TRP A 102 -6.92 0.08 -1.58
C TRP A 102 -6.44 -1.30 -1.14
N ASP A 103 -6.10 -2.19 -2.06
CA ASP A 103 -5.76 -3.55 -1.67
C ASP A 103 -4.28 -3.84 -1.83
N TRP A 104 -3.72 -3.70 -3.03
CA TRP A 104 -2.29 -3.84 -3.29
C TRP A 104 -1.80 -5.25 -3.09
N TYR A 105 -2.73 -6.21 -3.01
CA TYR A 105 -2.43 -7.63 -3.16
C TYR A 105 -2.82 -7.97 -4.58
N PHE A 106 -1.97 -8.68 -5.28
CA PHE A 106 -2.15 -8.66 -6.71
C PHE A 106 -3.30 -9.57 -7.11
N ASP A 107 -3.18 -10.85 -6.79
CA ASP A 107 -3.73 -11.90 -7.62
C ASP A 107 -2.91 -11.85 -8.90
N VAL A 108 -1.59 -11.98 -8.79
CA VAL A 108 -0.75 -11.68 -9.96
C VAL A 108 -1.11 -12.64 -11.10
N TRP A 109 -1.90 -12.13 -12.06
CA TRP A 109 -2.23 -12.88 -13.26
C TRP A 109 -1.69 -12.16 -14.49
N GLY A 110 -0.56 -12.63 -14.99
CA GLY A 110 -0.12 -12.28 -16.32
C GLY A 110 0.58 -13.47 -16.91
N GLN A 111 0.12 -13.88 -18.08
CA GLN A 111 0.59 -15.15 -18.63
C GLN A 111 2.11 -15.16 -18.75
N GLY A 112 2.72 -13.99 -18.82
CA GLY A 112 4.16 -13.93 -18.74
C GLY A 112 4.84 -13.73 -20.07
N THR A 113 5.45 -12.57 -20.26
CA THR A 113 6.15 -12.25 -21.50
C THR A 113 7.61 -12.63 -21.36
N LEU A 114 8.01 -13.63 -22.14
CA LEU A 114 9.30 -14.30 -21.99
C LEU A 114 10.36 -13.45 -22.69
N VAL A 115 10.80 -12.38 -22.00
CA VAL A 115 11.64 -11.41 -22.69
C VAL A 115 13.08 -11.87 -22.68
N THR A 116 13.43 -12.75 -23.61
CA THR A 116 14.81 -13.21 -23.72
C THR A 116 15.62 -12.17 -24.49
N VAL A 117 16.94 -12.15 -24.24
CA VAL A 117 17.81 -11.16 -24.86
C VAL A 117 19.18 -11.77 -25.10
N SER A 118 19.82 -11.38 -26.20
CA SER A 118 21.19 -11.78 -26.51
C SER A 118 21.80 -10.84 -27.55
N ASP B 1 12.60 -2.54 0.08
CA ASP B 1 13.56 -2.32 1.15
C ASP B 1 13.23 -3.20 2.34
N ILE B 2 11.96 -3.60 2.45
CA ILE B 2 11.58 -4.60 3.44
C ILE B 2 12.23 -5.93 3.03
N GLN B 3 13.26 -6.33 3.76
CA GLN B 3 13.98 -7.54 3.40
C GLN B 3 13.20 -8.74 3.93
N MET B 4 12.48 -9.39 3.05
CA MET B 4 11.56 -10.47 3.41
C MET B 4 12.24 -11.80 3.15
N THR B 5 12.68 -12.46 4.22
CA THR B 5 13.34 -13.75 4.10
C THR B 5 12.39 -14.85 4.52
N GLN B 6 12.18 -15.81 3.64
CA GLN B 6 11.30 -16.94 3.95
C GLN B 6 12.13 -18.21 3.99
N SER B 7 11.86 -19.03 5.00
CA SER B 7 12.67 -20.19 5.33
C SER B 7 11.81 -21.37 5.72
N PRO B 8 12.29 -22.61 5.58
CA PRO B 8 13.61 -22.96 5.03
C PRO B 8 13.64 -22.91 3.51
N SER B 9 14.84 -22.86 2.92
CA SER B 9 14.95 -22.63 1.49
C SER B 9 14.17 -23.66 0.69
N SER B 10 14.62 -24.91 0.70
CA SER B 10 13.98 -25.99 -0.03
C SER B 10 13.70 -27.13 0.94
N LEU B 11 12.45 -27.25 1.35
CA LEU B 11 12.06 -28.24 2.35
C LEU B 11 11.18 -29.29 1.68
N SER B 12 11.68 -30.52 1.63
CA SER B 12 10.95 -31.63 1.05
C SER B 12 9.78 -32.01 1.96
N ALA B 13 8.83 -32.74 1.39
CA ALA B 13 7.69 -33.22 2.15
C ALA B 13 7.15 -34.46 1.46
N SER B 14 6.29 -35.18 2.18
CA SER B 14 5.68 -36.40 1.67
C SER B 14 4.18 -36.22 1.66
N VAL B 15 3.52 -37.09 0.88
CA VAL B 15 2.10 -36.95 0.59
C VAL B 15 1.30 -36.89 1.89
N GLY B 16 0.21 -36.12 1.86
CA GLY B 16 -0.78 -36.13 2.91
C GLY B 16 -0.30 -35.59 4.24
N ASP B 17 0.87 -34.99 4.29
CA ASP B 17 1.46 -34.56 5.54
C ASP B 17 1.04 -33.13 5.85
N ARG B 18 1.67 -32.52 6.85
CA ARG B 18 1.45 -31.13 7.21
C ARG B 18 2.81 -30.45 7.27
N VAL B 19 3.01 -29.42 6.44
CA VAL B 19 4.30 -28.76 6.28
C VAL B 19 4.14 -27.28 6.60
N THR B 20 5.13 -26.72 7.27
CA THR B 20 5.12 -25.32 7.66
C THR B 20 6.29 -24.59 7.02
N ILE B 21 6.00 -23.46 6.37
CA ILE B 21 6.99 -22.60 5.77
C ILE B 21 6.82 -21.20 6.35
N THR B 22 7.90 -20.66 6.92
CA THR B 22 7.81 -19.43 7.68
C THR B 22 8.42 -18.30 6.87
N CYS B 23 8.11 -17.07 7.27
CA CYS B 23 8.48 -15.89 6.53
C CYS B 23 8.64 -14.73 7.50
N ARG B 24 9.80 -14.09 7.46
CA ARG B 24 10.21 -13.11 8.45
C ARG B 24 10.56 -11.81 7.72
N ALA B 25 9.96 -10.72 8.17
CA ALA B 25 10.16 -9.42 7.54
C ALA B 25 11.14 -8.61 8.35
N SER B 26 12.13 -8.02 7.66
CA SER B 26 13.18 -7.29 8.34
C SER B 26 12.61 -6.17 9.22
N GLN B 27 11.73 -5.35 8.65
CA GLN B 27 10.97 -4.40 9.44
C GLN B 27 9.57 -4.98 9.69
N SER B 28 8.68 -4.17 10.23
CA SER B 28 7.33 -4.62 10.49
C SER B 28 6.46 -4.47 9.24
N VAL B 29 5.67 -5.50 8.96
CA VAL B 29 4.74 -5.56 7.83
C VAL B 29 3.35 -5.84 8.39
N SER B 30 3.02 -5.19 9.50
CA SER B 30 2.28 -5.76 10.63
C SER B 30 1.29 -6.86 10.29
N ASN B 31 0.35 -6.64 9.38
CA ASN B 31 -0.54 -7.72 9.02
C ASN B 31 -0.79 -7.79 7.52
N PHE B 32 -0.01 -7.06 6.72
CA PHE B 32 -0.12 -7.11 5.27
C PHE B 32 0.97 -8.03 4.75
N LEU B 33 0.68 -9.32 4.71
CA LEU B 33 1.61 -10.29 4.13
C LEU B 33 0.79 -11.34 3.40
N HIS B 34 0.68 -11.18 2.09
CA HIS B 34 -0.08 -12.07 1.24
C HIS B 34 0.80 -13.26 0.87
N TRP B 35 0.17 -14.34 0.42
CA TRP B 35 0.90 -15.57 0.11
C TRP B 35 0.51 -16.09 -1.26
N TYR B 36 1.50 -16.28 -2.13
CA TYR B 36 1.27 -16.74 -3.50
C TYR B 36 1.96 -18.07 -3.69
N GLN B 37 1.64 -18.73 -4.80
CA GLN B 37 2.30 -19.94 -5.23
C GLN B 37 2.51 -19.89 -6.73
N GLN B 38 3.50 -20.61 -7.23
CA GLN B 38 3.83 -20.53 -8.65
C GLN B 38 4.37 -21.88 -9.11
N LYS B 39 3.52 -22.66 -9.73
CA LYS B 39 4.00 -23.84 -10.43
C LYS B 39 4.86 -23.39 -11.60
N PRO B 40 5.92 -24.11 -11.94
CA PRO B 40 6.81 -23.65 -13.03
C PRO B 40 6.04 -23.43 -14.33
N GLY B 41 6.45 -22.40 -15.06
CA GLY B 41 5.77 -22.06 -16.30
C GLY B 41 4.35 -21.61 -16.06
N LYS B 42 4.16 -20.66 -15.15
CA LYS B 42 2.82 -20.21 -14.79
C LYS B 42 2.90 -18.83 -14.16
N ALA B 43 1.79 -18.11 -14.25
CA ALA B 43 1.57 -16.90 -13.46
C ALA B 43 1.12 -17.30 -12.07
N PRO B 44 1.76 -16.83 -11.02
CA PRO B 44 1.33 -17.19 -9.66
C PRO B 44 -0.13 -16.93 -9.36
N LYS B 45 -0.57 -17.43 -8.21
CA LYS B 45 -1.96 -17.40 -7.81
C LYS B 45 -2.00 -16.97 -6.35
N LEU B 46 -2.96 -16.15 -5.99
CA LEU B 46 -3.07 -15.75 -4.59
C LEU B 46 -3.61 -16.91 -3.78
N LEU B 47 -3.08 -17.09 -2.56
CA LEU B 47 -3.57 -18.11 -1.65
C LEU B 47 -4.11 -17.51 -0.36
N ILE B 48 -3.29 -16.74 0.35
CA ILE B 48 -3.70 -16.09 1.59
C ILE B 48 -3.36 -14.62 1.47
N TYR B 49 -4.31 -13.76 1.83
CA TYR B 49 -4.09 -12.33 1.73
C TYR B 49 -4.44 -11.65 3.05
N TYR B 50 -3.58 -10.72 3.46
CA TYR B 50 -3.54 -10.17 4.82
C TYR B 50 -3.14 -11.23 5.83
N ALA B 51 -2.59 -12.34 5.34
CA ALA B 51 -1.90 -13.36 6.11
C ALA B 51 -2.84 -14.23 6.95
N SER B 52 -4.11 -13.85 7.04
CA SER B 52 -5.09 -14.64 7.74
C SER B 52 -6.25 -15.06 6.82
N GLN B 53 -6.87 -14.10 6.15
CA GLN B 53 -8.07 -14.40 5.38
C GLN B 53 -7.71 -15.24 4.16
N SER B 54 -8.66 -16.06 3.73
CA SER B 54 -8.43 -16.93 2.58
C SER B 54 -9.13 -16.38 1.35
N ILE B 55 -8.45 -16.47 0.21
CA ILE B 55 -9.06 -16.10 -1.06
C ILE B 55 -10.23 -17.02 -1.37
N SER B 56 -11.31 -16.44 -1.89
CA SER B 56 -12.44 -17.23 -2.35
C SER B 56 -12.06 -18.05 -3.58
N GLY B 57 -12.44 -19.31 -3.59
CA GLY B 57 -12.19 -20.18 -4.71
C GLY B 57 -10.87 -20.92 -4.68
N VAL B 58 -10.19 -20.97 -3.54
CA VAL B 58 -8.95 -21.71 -3.41
C VAL B 58 -9.27 -23.08 -2.81
N PRO B 59 -8.52 -24.13 -3.15
CA PRO B 59 -8.70 -25.39 -2.41
C PRO B 59 -8.19 -25.23 -0.99
N SER B 60 -9.12 -25.19 -0.03
CA SER B 60 -8.77 -24.72 1.31
C SER B 60 -8.09 -25.81 2.12
N ARG B 61 -7.08 -26.45 1.52
CA ARG B 61 -6.24 -27.36 2.28
C ARG B 61 -5.25 -26.59 3.15
N PHE B 62 -4.86 -25.40 2.71
CA PHE B 62 -3.95 -24.54 3.44
C PHE B 62 -4.58 -23.21 3.81
N SER B 63 -4.26 -22.73 5.01
CA SER B 63 -4.56 -21.37 5.42
C SER B 63 -3.38 -20.88 6.26
N GLY B 64 -3.29 -19.55 6.39
CA GLY B 64 -2.14 -18.93 6.98
C GLY B 64 -2.46 -18.19 8.26
N SER B 65 -1.42 -17.95 9.04
CA SER B 65 -1.52 -17.22 10.29
C SER B 65 -0.18 -16.55 10.57
N GLY B 66 -0.23 -15.54 11.42
CA GLY B 66 0.94 -14.80 11.84
C GLY B 66 0.61 -13.33 11.96
N SER B 67 1.59 -12.59 12.47
CA SER B 67 1.48 -11.14 12.56
C SER B 67 2.88 -10.56 12.77
N GLY B 68 2.97 -9.25 12.98
CA GLY B 68 4.26 -8.65 13.24
C GLY B 68 5.22 -8.94 12.12
N THR B 69 6.35 -9.56 12.45
CA THR B 69 7.35 -9.94 11.47
C THR B 69 7.49 -11.44 11.34
N ASP B 70 6.49 -12.21 11.80
CA ASP B 70 6.52 -13.68 11.70
C ASP B 70 5.22 -14.12 11.05
N PHE B 71 5.33 -14.78 9.90
CA PHE B 71 4.15 -15.14 9.12
C PHE B 71 4.33 -16.53 8.55
N THR B 72 3.22 -17.23 8.29
CA THR B 72 3.33 -18.54 7.67
C THR B 72 1.97 -18.99 7.16
N LEU B 73 1.99 -19.98 6.28
CA LEU B 73 0.79 -20.78 6.00
C LEU B 73 1.25 -22.22 6.11
N THR B 74 0.44 -23.04 6.75
CA THR B 74 0.77 -24.44 6.95
C THR B 74 -0.19 -25.28 6.12
N ILE B 75 0.36 -26.09 5.23
CA ILE B 75 -0.46 -26.92 4.37
C ILE B 75 -1.03 -28.05 5.22
N SER B 76 -2.31 -27.95 5.57
CA SER B 76 -2.95 -28.92 6.44
C SER B 76 -3.16 -30.28 5.77
N SER B 77 -3.14 -30.34 4.44
CA SER B 77 -3.19 -31.63 3.75
C SER B 77 -2.46 -31.53 2.41
N LEU B 78 -1.18 -31.91 2.38
CA LEU B 78 -0.41 -31.76 1.16
C LEU B 78 -0.80 -32.82 0.15
N GLN B 79 -0.65 -32.50 -1.14
CA GLN B 79 -0.73 -33.48 -2.20
C GLN B 79 0.40 -33.27 -3.22
N PRO B 80 0.88 -34.34 -3.82
CA PRO B 80 2.11 -34.31 -4.58
C PRO B 80 2.23 -33.25 -5.66
N GLU B 81 1.11 -32.83 -6.23
CA GLU B 81 1.11 -32.06 -7.48
C GLU B 81 1.35 -30.58 -7.20
N ASP B 82 1.84 -30.25 -5.99
CA ASP B 82 2.03 -28.85 -5.64
C ASP B 82 3.44 -28.44 -6.04
N PHE B 83 4.47 -28.95 -5.38
CA PHE B 83 5.87 -28.56 -5.63
C PHE B 83 5.97 -27.08 -6.01
N ALA B 84 5.27 -26.24 -5.26
CA ALA B 84 5.00 -24.87 -5.66
C ALA B 84 5.99 -23.91 -5.01
N THR B 85 6.60 -23.06 -5.82
CA THR B 85 7.60 -22.12 -5.31
C THR B 85 6.85 -21.04 -4.57
N TYR B 86 6.49 -21.31 -3.33
CA TYR B 86 5.63 -20.39 -2.57
C TYR B 86 6.33 -19.06 -2.34
N TYR B 87 5.55 -17.99 -2.39
CA TYR B 87 6.05 -16.63 -2.27
C TYR B 87 5.34 -15.88 -1.16
N CYS B 88 6.11 -15.21 -0.31
CA CYS B 88 5.57 -14.19 0.56
C CYS B 88 5.31 -12.95 -0.27
N GLN B 89 4.57 -12.02 0.30
CA GLN B 89 4.54 -10.65 -0.18
C GLN B 89 4.11 -9.76 0.96
N GLN B 90 4.68 -8.57 1.05
CA GLN B 90 4.11 -7.59 1.96
C GLN B 90 3.45 -6.49 1.16
N SER B 91 2.61 -5.74 1.84
CA SER B 91 1.91 -4.65 1.19
C SER B 91 1.91 -3.41 2.08
N ASN B 92 2.88 -3.31 2.97
CA ASN B 92 2.88 -2.19 3.91
C ASN B 92 3.60 -0.98 3.35
N THR B 93 4.83 -1.16 2.90
CA THR B 93 5.66 -0.03 2.50
C THR B 93 6.15 -0.21 1.07
N TRP B 94 6.02 0.85 0.28
CA TRP B 94 6.60 0.83 -1.05
C TRP B 94 8.11 0.66 -0.93
N PRO B 95 8.74 -0.13 -1.79
CA PRO B 95 8.08 -0.98 -2.77
C PRO B 95 7.55 -2.25 -2.13
N LEU B 96 6.47 -2.79 -2.65
CA LEU B 96 6.00 -4.09 -2.20
C LEU B 96 7.06 -5.13 -2.51
N THR B 97 7.38 -5.97 -1.55
CA THR B 97 8.51 -6.86 -1.70
C THR B 97 8.05 -8.31 -1.55
N PHE B 98 8.55 -9.18 -2.42
CA PHE B 98 8.26 -10.59 -2.32
C PHE B 98 9.35 -11.31 -1.55
N GLY B 99 9.24 -12.62 -1.51
CA GLY B 99 10.26 -13.47 -0.91
C GLY B 99 10.81 -14.41 -1.97
N GLN B 100 12.04 -14.86 -1.77
CA GLN B 100 12.73 -15.62 -2.80
C GLN B 100 11.94 -16.88 -3.13
N GLY B 101 11.48 -17.60 -2.10
CA GLY B 101 10.63 -18.74 -2.34
C GLY B 101 11.06 -20.05 -1.69
N THR B 102 10.11 -20.77 -1.10
CA THR B 102 10.35 -22.08 -0.48
C THR B 102 9.86 -23.15 -1.43
N LYS B 103 10.71 -23.56 -2.36
CA LYS B 103 10.33 -24.60 -3.30
C LYS B 103 10.03 -25.90 -2.57
N LEU B 104 8.92 -26.53 -2.92
CA LEU B 104 8.54 -27.81 -2.36
C LEU B 104 8.99 -28.94 -3.29
N GLU B 105 9.28 -30.08 -2.68
CA GLU B 105 9.72 -31.25 -3.42
C GLU B 105 9.23 -32.50 -2.71
N ILE B 106 8.83 -33.49 -3.49
CA ILE B 106 8.53 -34.80 -2.93
C ILE B 106 9.84 -35.56 -2.74
N LYS B 107 9.84 -36.56 -1.88
CA LYS B 107 11.04 -37.36 -1.65
C LYS B 107 11.48 -38.05 -2.94
N ASN C 1 20.18 2.38 13.99
CA ASN C 1 21.03 3.56 14.06
C ASN C 1 20.54 4.64 13.11
N LEU C 2 19.28 4.54 12.70
CA LEU C 2 18.64 5.61 11.94
C LEU C 2 17.13 5.50 12.11
N CYS C 3 16.47 6.65 12.27
CA CYS C 3 15.09 6.67 12.70
C CYS C 3 14.14 6.22 11.60
N PRO C 4 13.03 5.59 11.97
CA PRO C 4 12.08 5.10 10.96
C PRO C 4 11.28 6.20 10.29
N PHE C 5 11.86 6.82 9.27
CA PHE C 5 11.11 7.63 8.32
C PHE C 5 10.81 6.87 7.03
N GLY C 6 10.88 5.55 7.07
CA GLY C 6 10.44 4.73 5.96
C GLY C 6 9.12 4.05 6.28
N GLU C 7 8.92 3.71 7.55
CA GLU C 7 7.70 3.07 7.99
C GLU C 7 6.52 4.02 8.07
N VAL C 8 6.75 5.32 7.97
CA VAL C 8 5.69 6.29 8.16
C VAL C 8 5.48 7.21 6.97
N PHE C 9 6.49 7.35 6.11
CA PHE C 9 6.33 8.20 4.90
C PHE C 9 6.03 7.31 3.68
N ASN C 10 6.91 6.38 3.35
CA ASN C 10 6.59 5.43 2.26
C ASN C 10 5.72 4.31 2.81
N ALA C 11 4.41 4.52 2.92
CA ALA C 11 3.48 3.49 3.45
C ALA C 11 2.31 3.32 2.50
N THR C 12 1.55 2.22 2.60
CA THR C 12 0.48 1.92 1.64
C THR C 12 -0.83 2.50 2.14
N ARG C 13 -1.08 2.33 3.43
CA ARG C 13 -2.39 2.76 3.93
C ARG C 13 -2.25 3.82 5.00
N PHE C 14 -2.19 5.08 4.61
CA PHE C 14 -2.22 6.13 5.64
C PHE C 14 -3.59 6.01 6.28
N ALA C 15 -3.66 6.09 7.59
CA ALA C 15 -4.95 5.85 8.28
C ALA C 15 -5.98 6.93 8.02
N SER C 16 -7.19 6.71 8.52
CA SER C 16 -8.24 7.74 8.39
C SER C 16 -8.10 8.73 9.53
N VAL C 17 -8.58 9.95 9.36
CA VAL C 17 -8.35 11.00 10.39
C VAL C 17 -8.85 10.54 11.77
N TYR C 18 -10.05 9.99 11.86
CA TYR C 18 -10.63 9.62 13.19
C TYR C 18 -9.68 8.70 13.96
N ALA C 19 -9.00 7.78 13.29
CA ALA C 19 -8.08 6.86 13.97
C ALA C 19 -6.66 7.18 13.53
N TRP C 20 -6.27 8.45 13.65
CA TRP C 20 -4.92 8.87 13.22
C TRP C 20 -3.87 7.96 13.86
N ASN C 21 -3.03 7.33 13.05
CA ASN C 21 -2.03 6.38 13.58
C ASN C 21 -0.78 7.15 14.04
N ARG C 22 -0.38 6.99 15.29
CA ARG C 22 0.78 7.73 15.83
C ARG C 22 1.92 6.78 16.13
N LYS C 23 3.11 7.09 15.65
CA LYS C 23 4.29 6.23 15.92
C LYS C 23 5.28 6.97 16.82
N ARG C 24 5.88 6.28 17.78
CA ARG C 24 6.94 6.91 18.63
C ARG C 24 8.29 6.60 18.00
N ILE C 25 8.94 7.60 17.40
CA ILE C 25 10.30 7.42 16.83
C ILE C 25 11.27 7.88 17.91
N SER C 26 12.18 7.01 18.36
CA SER C 26 13.06 7.33 19.51
C SER C 26 14.38 6.55 19.49
N ASN C 27 15.42 7.09 20.14
CA ASN C 27 16.75 6.42 20.25
C ASN C 27 17.29 6.02 18.87
N CYS C 28 17.53 7.00 18.00
CA CYS C 28 18.05 6.72 16.64
C CYS C 28 18.48 8.03 16.00
N VAL C 29 19.30 7.95 14.94
CA VAL C 29 19.72 9.20 14.23
C VAL C 29 18.58 9.60 13.30
N ALA C 30 17.89 10.70 13.58
CA ALA C 30 16.83 11.19 12.68
C ALA C 30 17.45 12.09 11.62
N ASP C 31 17.15 11.85 10.35
CA ASP C 31 17.66 12.74 9.29
C ASP C 31 16.48 13.47 8.65
N TYR C 32 16.17 14.67 9.16
CA TYR C 32 15.06 15.48 8.60
C TYR C 32 15.51 16.16 7.31
N SER C 33 16.64 15.72 6.75
CA SER C 33 17.11 16.26 5.44
C SER C 33 16.22 15.72 4.35
N VAL C 34 16.14 14.39 4.23
CA VAL C 34 15.31 13.74 3.17
C VAL C 34 13.92 14.38 3.13
N LEU C 35 13.23 14.44 4.27
CA LEU C 35 11.86 15.00 4.32
C LEU C 35 11.82 16.40 3.71
N TYR C 36 12.39 17.42 4.37
CA TYR C 36 12.26 18.80 3.85
C TYR C 36 12.79 18.90 2.42
N ASN C 37 13.84 18.17 2.07
CA ASN C 37 14.45 18.29 0.73
C ASN C 37 13.64 17.53 -0.33
N SER C 38 12.52 16.91 0.04
CA SER C 38 11.64 16.26 -0.96
C SER C 38 10.51 17.21 -1.33
N ALA C 39 10.28 17.43 -2.63
CA ALA C 39 9.25 18.38 -3.09
C ALA C 39 7.89 17.68 -3.21
N SER C 40 7.84 16.39 -2.89
CA SER C 40 6.56 15.65 -2.94
C SER C 40 5.54 16.35 -2.05
N PHE C 41 5.97 16.88 -0.91
CA PHE C 41 5.02 17.49 0.07
C PHE C 41 4.49 18.82 -0.47
N SER C 42 3.52 19.40 0.25
CA SER C 42 2.89 20.65 -0.27
C SER C 42 2.42 21.51 0.90
N THR C 43 2.80 21.17 2.12
CA THR C 43 2.46 22.04 3.29
C THR C 43 3.45 21.79 4.43
N PHE C 44 4.76 21.81 4.19
CA PHE C 44 5.73 21.47 5.28
C PHE C 44 5.46 22.33 6.52
N LYS C 45 4.99 23.57 6.39
CA LYS C 45 4.66 24.51 7.50
C LYS C 45 5.08 23.99 8.89
N CYS C 46 6.27 24.37 9.35
CA CYS C 46 6.77 23.87 10.65
C CYS C 46 6.58 24.94 11.71
N TYR C 47 5.62 24.73 12.61
CA TYR C 47 5.31 25.71 13.69
C TYR C 47 6.11 25.36 14.94
N GLY C 48 6.82 26.34 15.50
CA GLY C 48 7.69 26.10 16.66
C GLY C 48 9.15 26.11 16.24
N VAL C 49 9.65 24.97 15.75
CA VAL C 49 11.03 24.92 15.21
C VAL C 49 11.05 25.55 13.82
N SER C 50 12.24 25.67 13.21
CA SER C 50 12.34 26.29 11.87
C SER C 50 12.64 25.21 10.85
N PRO C 51 11.84 25.07 9.77
CA PRO C 51 12.00 23.98 8.81
C PRO C 51 13.46 23.78 8.42
N THR C 52 14.15 24.86 8.05
CA THR C 52 15.56 24.77 7.61
C THR C 52 16.44 24.14 8.70
N LYS C 53 16.82 24.90 9.73
CA LYS C 53 17.70 24.39 10.80
C LYS C 53 16.88 23.46 11.70
N LEU C 54 16.92 22.16 11.41
CA LEU C 54 16.09 21.19 12.18
C LEU C 54 16.89 19.90 12.41
N ASN C 55 17.90 19.66 11.58
CA ASN C 55 18.66 18.40 11.67
C ASN C 55 19.56 18.40 12.90
N ASP C 56 19.85 19.57 13.48
CA ASP C 56 20.83 19.66 14.61
C ASP C 56 20.17 19.44 15.97
N LEU C 57 19.05 20.12 16.24
CA LEU C 57 18.36 20.01 17.55
C LEU C 57 18.15 18.54 17.91
N CYS C 58 18.51 18.15 19.14
CA CYS C 58 18.28 16.76 19.60
C CYS C 58 16.88 16.64 20.20
N PHE C 59 15.86 16.45 19.36
CA PHE C 59 14.47 16.32 19.84
C PHE C 59 14.39 15.13 20.77
N THR C 60 13.73 15.29 21.92
CA THR C 60 13.73 14.20 22.94
C THR C 60 12.74 13.09 22.57
N ASN C 61 11.54 13.46 22.09
CA ASN C 61 10.52 12.45 21.70
C ASN C 61 9.81 12.92 20.42
N VAL C 62 9.95 12.16 19.34
CA VAL C 62 9.30 12.52 18.05
C VAL C 62 8.09 11.61 17.86
N TYR C 63 6.90 12.16 17.69
CA TYR C 63 5.67 11.35 17.58
C TYR C 63 4.98 11.65 16.27
N ALA C 64 5.27 10.88 15.22
CA ALA C 64 4.72 11.18 13.88
C ALA C 64 3.27 10.71 13.78
N ASP C 65 2.31 11.62 13.92
CA ASP C 65 0.91 11.20 13.70
C ASP C 65 0.70 11.15 12.18
N SER C 66 -0.30 10.43 11.69
CA SER C 66 -0.46 10.29 10.21
C SER C 66 -1.90 9.97 9.87
N PHE C 67 -2.50 10.71 8.93
CA PHE C 67 -3.92 10.50 8.58
C PHE C 67 -4.24 10.92 7.15
N VAL C 68 -5.53 10.91 6.76
CA VAL C 68 -5.99 11.40 5.42
C VAL C 68 -7.21 12.29 5.63
N ILE C 69 -7.17 13.53 5.14
CA ILE C 69 -8.28 14.49 5.36
C ILE C 69 -8.70 15.08 4.00
N ARG C 70 -9.75 15.89 3.95
CA ARG C 70 -10.15 16.54 2.67
C ARG C 70 -9.01 17.38 2.13
N GLY C 71 -9.03 17.69 0.83
CA GLY C 71 -7.92 18.45 0.22
C GLY C 71 -7.84 19.90 0.65
N ASP C 72 -8.86 20.40 1.37
CA ASP C 72 -8.88 21.84 1.74
C ASP C 72 -8.76 21.97 3.25
N GLU C 73 -8.79 20.85 3.97
CA GLU C 73 -8.77 20.94 5.45
C GLU C 73 -7.32 20.84 5.95
N VAL C 74 -6.34 21.08 5.08
CA VAL C 74 -4.93 21.12 5.57
C VAL C 74 -4.79 22.28 6.54
N ARG C 75 -5.64 23.30 6.40
CA ARG C 75 -5.62 24.45 7.34
C ARG C 75 -5.98 23.97 8.74
N GLN C 76 -7.01 23.13 8.89
CA GLN C 76 -7.48 22.73 10.24
C GLN C 76 -6.41 21.95 11.00
N ILE C 77 -5.33 21.54 10.32
CA ILE C 77 -4.20 20.90 11.05
C ILE C 77 -3.13 21.97 11.23
N ALA C 78 -3.41 23.00 12.03
CA ALA C 78 -2.42 24.07 12.33
C ALA C 78 -2.74 24.66 13.71
N PRO C 79 -1.77 24.72 14.66
CA PRO C 79 -2.05 25.16 16.02
C PRO C 79 -3.00 26.36 16.06
N GLY C 80 -4.21 26.14 16.56
CA GLY C 80 -5.15 27.27 16.70
C GLY C 80 -6.32 27.14 15.77
N GLN C 81 -6.08 26.82 14.50
CA GLN C 81 -7.21 26.78 13.53
C GLN C 81 -8.23 25.76 14.04
N THR C 82 -9.51 26.12 14.03
CA THR C 82 -10.57 25.23 14.58
C THR C 82 -11.69 24.99 13.57
N GLY C 83 -12.40 23.85 13.68
CA GLY C 83 -13.47 23.50 12.73
C GLY C 83 -13.78 22.02 12.76
N ASN C 84 -14.06 21.42 11.61
CA ASN C 84 -14.45 19.98 11.59
C ASN C 84 -13.25 19.13 11.97
N ILE C 85 -12.15 19.22 11.21
CA ILE C 85 -10.99 18.33 11.49
C ILE C 85 -10.41 18.70 12.86
N ALA C 86 -10.27 19.99 13.13
CA ALA C 86 -9.64 20.37 14.41
C ALA C 86 -10.52 19.93 15.59
N ASP C 87 -11.73 20.47 15.68
CA ASP C 87 -12.55 20.17 16.89
C ASP C 87 -13.01 18.72 16.91
N TYR C 88 -13.58 18.22 15.82
CA TYR C 88 -14.17 16.86 15.86
C TYR C 88 -13.34 15.89 15.03
N ASN C 89 -12.02 15.83 15.21
CA ASN C 89 -11.18 14.81 14.52
C ASN C 89 -9.79 14.81 15.15
N TYR C 90 -8.85 15.62 14.64
CA TYR C 90 -7.48 15.70 15.20
C TYR C 90 -7.16 17.16 15.53
N LYS C 91 -6.68 17.43 16.75
CA LYS C 91 -6.45 18.84 17.15
C LYS C 91 -4.95 19.06 17.36
N LEU C 92 -4.34 19.98 16.60
CA LEU C 92 -2.92 20.32 16.84
C LEU C 92 -2.90 21.29 18.01
N PRO C 93 -2.26 20.98 19.16
CA PRO C 93 -2.30 21.84 20.34
C PRO C 93 -1.93 23.30 20.08
N ASP C 94 -2.48 24.24 20.87
CA ASP C 94 -2.20 25.70 20.71
C ASP C 94 -0.70 26.00 20.58
N ASP C 95 0.15 25.24 21.28
CA ASP C 95 1.62 25.48 21.24
C ASP C 95 2.32 24.29 20.57
N PHE C 96 1.94 23.96 19.34
CA PHE C 96 2.52 22.78 18.64
C PHE C 96 4.00 23.04 18.33
N THR C 97 4.87 22.09 18.69
CA THR C 97 6.31 22.22 18.38
C THR C 97 6.68 21.10 17.39
N GLY C 98 6.71 21.43 16.10
CA GLY C 98 7.02 20.42 15.06
C GLY C 98 6.55 20.89 13.71
N CYS C 99 6.33 19.98 12.77
CA CYS C 99 5.94 20.38 11.39
C CYS C 99 4.68 19.64 10.94
N VAL C 100 3.95 20.16 9.94
CA VAL C 100 2.70 19.51 9.42
C VAL C 100 2.89 19.08 7.96
N ILE C 101 3.86 18.20 7.70
CA ILE C 101 4.12 17.67 6.33
C ILE C 101 2.86 17.06 5.74
N ALA C 102 2.64 17.17 4.42
CA ALA C 102 1.39 16.68 3.82
C ALA C 102 1.42 16.70 2.28
N TRP C 103 1.02 15.62 1.59
CA TRP C 103 0.89 15.69 0.11
C TRP C 103 -0.59 15.59 -0.23
N ASN C 104 -1.05 16.26 -1.29
CA ASN C 104 -2.45 16.05 -1.74
C ASN C 104 -2.41 14.84 -2.68
N SER C 105 -2.58 13.63 -2.15
CA SER C 105 -2.39 12.43 -3.00
C SER C 105 -3.71 12.00 -3.61
N ASN C 106 -3.78 11.96 -4.94
CA ASN C 106 -5.00 11.54 -5.65
C ASN C 106 -4.77 10.14 -6.17
N ASN C 107 -3.73 9.96 -6.99
CA ASN C 107 -3.41 8.64 -7.55
C ASN C 107 -3.60 7.55 -6.50
N LEU C 108 -2.87 7.61 -5.40
CA LEU C 108 -2.90 6.50 -4.41
C LEU C 108 -4.27 6.34 -3.78
N ASP C 109 -4.87 7.42 -3.31
CA ASP C 109 -6.10 7.24 -2.49
C ASP C 109 -7.43 7.50 -3.16
N SER C 110 -7.49 7.79 -4.45
CA SER C 110 -8.80 8.18 -5.06
C SER C 110 -9.31 7.16 -6.07
N LYS C 111 -10.51 6.65 -5.86
CA LYS C 111 -11.08 5.62 -6.77
C LYS C 111 -12.12 6.25 -7.69
N VAL C 112 -12.12 5.88 -8.97
CA VAL C 112 -13.17 6.36 -9.91
C VAL C 112 -14.49 5.81 -9.38
N GLY C 113 -15.22 6.61 -8.61
CA GLY C 113 -16.43 6.10 -7.94
C GLY C 113 -16.37 6.44 -6.47
N GLY C 114 -15.19 6.32 -5.84
CA GLY C 114 -15.06 6.78 -4.44
C GLY C 114 -14.40 5.81 -3.50
N ASN C 115 -13.15 6.07 -3.10
CA ASN C 115 -12.54 5.23 -2.04
C ASN C 115 -13.26 5.66 -0.78
N TYR C 116 -14.28 4.91 -0.36
CA TYR C 116 -15.10 5.36 0.79
C TYR C 116 -14.44 4.93 2.09
N ASN C 117 -13.16 4.57 2.04
CA ASN C 117 -12.50 4.03 3.26
C ASN C 117 -11.86 5.15 4.09
N TYR C 118 -11.34 6.22 3.47
CA TYR C 118 -10.80 7.35 4.26
C TYR C 118 -11.99 8.06 4.88
N LEU C 119 -12.18 7.99 6.21
CA LEU C 119 -13.41 8.51 6.87
C LEU C 119 -13.19 9.85 7.55
N TYR C 120 -14.23 10.40 8.19
CA TYR C 120 -14.11 11.64 8.98
C TYR C 120 -15.31 11.81 9.92
N ARG C 121 -15.05 12.25 11.14
CA ARG C 121 -16.14 12.47 12.13
C ARG C 121 -16.70 13.87 11.95
N LEU C 122 -18.03 14.01 11.97
CA LEU C 122 -18.65 15.35 11.87
C LEU C 122 -19.30 15.61 13.21
N PHE C 123 -20.62 15.54 13.26
CA PHE C 123 -21.40 15.75 14.53
C PHE C 123 -20.71 15.05 15.71
N ARG C 124 -20.18 15.83 16.64
CA ARG C 124 -19.49 15.28 17.84
C ARG C 124 -19.75 16.23 19.00
N LYS C 125 -20.16 15.69 20.14
CA LYS C 125 -20.54 16.56 21.27
C LYS C 125 -19.35 16.79 22.20
N SER C 126 -18.14 16.93 21.64
CA SER C 126 -16.95 17.24 22.47
C SER C 126 -15.79 17.71 21.59
N ASN C 127 -15.50 19.00 21.58
CA ASN C 127 -14.32 19.50 20.83
C ASN C 127 -13.09 18.76 21.37
N LEU C 128 -12.52 17.85 20.58
CA LEU C 128 -11.39 17.01 21.05
C LEU C 128 -10.24 17.89 21.52
N LYS C 129 -9.70 17.62 22.70
CA LYS C 129 -8.53 18.38 23.20
C LYS C 129 -7.29 17.94 22.42
N PRO C 130 -6.20 18.73 22.37
CA PRO C 130 -4.96 18.35 21.69
C PRO C 130 -4.61 16.86 21.63
N PHE C 131 -4.30 16.34 20.44
CA PHE C 131 -3.91 14.91 20.25
C PHE C 131 -4.90 13.95 20.92
N GLU C 132 -6.11 13.81 20.36
CA GLU C 132 -7.08 12.81 20.90
C GLU C 132 -7.73 12.07 19.73
N ARG C 133 -7.86 10.75 19.83
CA ARG C 133 -8.46 9.94 18.73
C ARG C 133 -9.80 9.36 19.21
N ASP C 134 -10.90 10.05 18.94
CA ASP C 134 -12.24 9.60 19.40
C ASP C 134 -12.73 8.48 18.47
N ILE C 135 -12.12 7.31 18.56
CA ILE C 135 -12.46 6.20 17.61
C ILE C 135 -13.94 5.78 17.69
N SER C 136 -14.70 6.23 18.69
CA SER C 136 -16.10 5.78 18.90
C SER C 136 -17.03 6.14 17.73
N THR C 137 -18.16 5.43 17.63
CA THR C 137 -19.13 5.64 16.52
C THR C 137 -20.56 5.83 17.07
N GLU C 138 -20.71 6.27 18.33
CA GLU C 138 -22.05 6.38 18.98
C GLU C 138 -23.05 7.12 18.09
N ILE C 139 -24.23 6.54 17.86
CA ILE C 139 -25.29 7.27 17.08
C ILE C 139 -25.52 8.62 17.77
N TYR C 140 -25.17 9.72 17.09
CA TYR C 140 -25.26 11.06 17.73
C TYR C 140 -26.71 11.53 17.81
N GLN C 141 -27.20 11.82 19.01
CA GLN C 141 -28.56 12.40 19.16
C GLN C 141 -28.42 13.92 19.18
N ALA C 142 -29.30 14.64 18.49
CA ALA C 142 -29.19 16.11 18.41
C ALA C 142 -30.53 16.77 18.73
N GLY C 143 -31.60 16.35 18.05
CA GLY C 143 -32.92 16.98 18.24
C GLY C 143 -33.40 16.91 19.68
N SER C 144 -33.91 15.75 20.10
CA SER C 144 -34.42 15.56 21.49
C SER C 144 -34.54 14.07 21.79
N THR C 145 -35.72 13.51 21.53
CA THR C 145 -36.00 12.07 21.82
C THR C 145 -34.78 11.21 21.51
N PRO C 146 -34.11 10.65 22.52
CA PRO C 146 -32.95 9.78 22.29
C PRO C 146 -33.28 8.60 21.37
N CYS C 147 -32.55 8.45 20.28
CA CYS C 147 -32.76 7.26 19.39
C CYS C 147 -32.08 6.06 20.06
N ASN C 148 -30.76 6.12 20.26
CA ASN C 148 -30.00 5.06 20.97
C ASN C 148 -30.08 3.72 20.21
N GLY C 149 -29.09 3.44 19.36
CA GLY C 149 -29.03 2.16 18.64
C GLY C 149 -29.59 2.28 17.22
N VAL C 150 -30.42 3.28 16.97
CA VAL C 150 -31.09 3.38 15.64
C VAL C 150 -30.79 4.73 14.98
N LYS C 151 -30.63 4.73 13.66
CA LYS C 151 -30.36 5.99 12.90
C LYS C 151 -31.67 6.42 12.23
N GLY C 152 -32.02 7.70 12.30
CA GLY C 152 -33.31 8.15 11.74
C GLY C 152 -33.57 9.63 11.89
N PHE C 153 -34.81 10.02 12.20
CA PHE C 153 -35.18 11.46 12.30
C PHE C 153 -34.31 12.15 13.35
N ASN C 154 -33.62 13.23 12.96
CA ASN C 154 -32.82 14.03 13.93
C ASN C 154 -31.89 13.09 14.70
N CYS C 155 -31.25 12.17 14.00
CA CYS C 155 -30.31 11.21 14.63
C CYS C 155 -29.29 10.84 13.57
N TYR C 156 -28.07 11.35 13.68
CA TYR C 156 -27.11 11.14 12.58
C TYR C 156 -25.92 10.31 13.03
N PHE C 157 -25.53 9.30 12.24
CA PHE C 157 -24.31 8.50 12.55
C PHE C 157 -23.10 9.41 12.39
N PRO C 158 -22.16 9.49 13.35
CA PRO C 158 -21.04 10.45 13.28
C PRO C 158 -20.07 10.16 12.14
N LEU C 159 -19.27 9.11 12.26
CA LEU C 159 -18.25 8.77 11.24
C LEU C 159 -18.86 8.75 9.85
N GLN C 160 -18.78 9.86 9.12
CA GLN C 160 -19.28 9.89 7.72
C GLN C 160 -18.11 9.63 6.79
N SER C 161 -18.36 9.07 5.61
CA SER C 161 -17.26 8.73 4.69
C SER C 161 -16.87 9.94 3.87
N TYR C 162 -15.61 10.05 3.56
CA TYR C 162 -15.21 11.15 2.67
C TYR C 162 -15.66 10.75 1.25
N GLY C 163 -15.14 9.64 0.74
CA GLY C 163 -15.44 9.24 -0.66
C GLY C 163 -14.69 10.15 -1.61
N PHE C 164 -13.50 9.73 -2.04
CA PHE C 164 -12.65 10.62 -2.89
C PHE C 164 -12.59 10.14 -4.33
N GLN C 165 -12.82 11.04 -5.28
CA GLN C 165 -12.82 10.64 -6.72
C GLN C 165 -11.64 11.32 -7.41
N PRO C 166 -11.12 10.79 -8.53
CA PRO C 166 -9.96 11.36 -9.19
C PRO C 166 -10.37 12.56 -10.03
N THR C 167 -11.65 12.96 -9.98
CA THR C 167 -12.13 14.15 -10.71
C THR C 167 -12.22 15.33 -9.76
N TYR C 168 -12.64 15.09 -8.51
CA TYR C 168 -12.86 16.14 -7.49
C TYR C 168 -11.80 17.26 -7.52
N GLY C 169 -12.23 18.49 -7.20
CA GLY C 169 -11.31 19.65 -7.16
C GLY C 169 -10.15 19.46 -6.21
N VAL C 170 -9.07 20.21 -6.38
CA VAL C 170 -7.83 20.02 -5.55
C VAL C 170 -8.10 20.43 -4.10
N GLY C 171 -9.36 20.75 -3.78
CA GLY C 171 -9.74 21.06 -2.40
C GLY C 171 -10.66 20.00 -1.87
N TYR C 172 -11.06 19.05 -2.71
CA TYR C 172 -11.90 17.93 -2.22
C TYR C 172 -11.14 16.62 -2.37
N GLN C 173 -9.87 16.68 -2.78
CA GLN C 173 -9.08 15.45 -3.04
C GLN C 173 -8.57 14.86 -1.71
N PRO C 174 -8.09 13.59 -1.66
CA PRO C 174 -7.58 13.05 -0.42
C PRO C 174 -6.20 13.67 -0.12
N TYR C 175 -5.97 14.13 1.11
CA TYR C 175 -4.68 14.76 1.50
C TYR C 175 -4.05 13.95 2.62
N ARG C 176 -2.79 13.53 2.50
CA ARG C 176 -2.20 12.65 3.55
C ARG C 176 -1.31 13.45 4.49
N VAL C 177 -1.79 13.84 5.66
CA VAL C 177 -1.02 14.69 6.60
C VAL C 177 -0.18 13.81 7.51
N VAL C 178 1.06 14.20 7.81
CA VAL C 178 1.91 13.43 8.77
C VAL C 178 2.56 14.45 9.71
N VAL C 179 1.78 14.97 10.66
CA VAL C 179 2.29 15.99 11.62
C VAL C 179 3.41 15.35 12.45
N LEU C 180 4.59 15.97 12.47
CA LEU C 180 5.77 15.36 13.17
C LEU C 180 5.98 16.07 14.49
N SER C 181 5.16 15.79 15.49
CA SER C 181 5.27 16.55 16.76
C SER C 181 6.56 16.18 17.48
N PHE C 182 7.37 17.18 17.83
CA PHE C 182 8.62 16.93 18.61
C PHE C 182 8.36 17.32 20.06
N GLU C 183 9.36 17.10 20.92
CA GLU C 183 9.25 17.46 22.37
C GLU C 183 8.50 18.78 22.53
C1 NAG D . 11.08 6.37 0.64
C2 NAG D . 12.33 6.54 1.50
C3 NAG D . 13.41 7.36 0.80
C4 NAG D . 13.32 7.40 -0.73
C5 NAG D . 11.84 7.45 -1.10
C6 NAG D . 11.39 7.66 -2.54
C7 NAG D . 11.58 8.43 2.96
C8 NAG D . 12.48 9.21 3.86
N2 NAG D . 11.94 7.15 2.76
O3 NAG D . 14.67 6.79 1.18
O4 NAG D . 14.08 8.55 -1.14
O5 NAG D . 11.37 6.18 -0.70
O6 NAG D . 12.05 6.74 -3.42
O7 NAG D . 10.58 8.94 2.49
C1 NAG D . 14.99 8.33 -2.24
C2 NAG D . 15.75 7.00 -2.18
C3 NAG D . 15.80 6.32 -3.54
C4 NAG D . 15.96 7.30 -4.71
C5 NAG D . 15.03 8.50 -4.63
C6 NAG D . 14.10 8.53 -5.83
C7 NAG D . 17.90 6.23 -1.37
C8 NAG D . 17.47 5.35 -0.24
N2 NAG D . 17.09 7.22 -1.70
O3 NAG D . 14.61 5.56 -3.71
O4 NAG D . 17.29 7.82 -4.72
O5 NAG D . 14.27 8.45 -3.45
O6 NAG D . 12.89 9.27 -5.57
O7 NAG D . 18.96 6.03 -1.96
C1 BMA D . 18.18 6.86 -5.29
C2 BMA D . 18.04 6.80 -6.81
C3 BMA D . 19.04 5.79 -7.37
C4 BMA D . 20.45 6.04 -6.81
C5 BMA D . 20.42 6.11 -5.29
C6 BMA D . 21.79 6.42 -4.70
O2 BMA D . 18.24 8.11 -7.38
O3 BMA D . 19.07 5.87 -8.81
O4 BMA D . 21.33 4.99 -7.21
O5 BMA D . 19.51 7.13 -4.90
O6 BMA D . 22.27 7.67 -5.20
#